data_7K0U
#
_entry.id   7K0U
#
_cell.length_a   82.963
_cell.length_b   82.963
_cell.length_c   137.161
_cell.angle_alpha   90.000
_cell.angle_beta   90.000
_cell.angle_gamma   90.000
#
_symmetry.space_group_name_H-M   'P 41 21 2'
#
loop_
_entity.id
_entity.type
_entity.pdbx_description
1 polymer 'Transcription initiation factor TFIID subunit 1'
2 non-polymer 4-{[(7R)-8-cyclopentyl-7-ethyl-5-methyl-6-oxo-5,6,7,8-tetrahydropteridin-2-yl]amino}-3-methoxy-N-(1-methylpiperidin-4-yl)benzamide
3 water water
#
_entity_poly.entity_id   1
_entity_poly.type   'polypeptide(L)'
_entity_poly.pdbx_seq_one_letter_code
;SMDDDQVAFSFILDNIVTQKMMAVPDSWPFHHPVNKKFVPDYYKVIVNPMDLETIRKNISKHKYQSRESFLDDVNLILAN
SVKYNGPESQYTKTAQEIVNVCYQTLTEYDEHLTQLEKDICTAKEAALEEAELESLD
;
_entity_poly.pdbx_strand_id   A,B
#
# COMPACT_ATOMS: atom_id res chain seq x y z
N ASP A 3 -11.55 2.63 -7.11
CA ASP A 3 -10.46 1.77 -6.66
C ASP A 3 -9.32 2.60 -6.00
N ASP A 4 -9.19 3.86 -6.40
CA ASP A 4 -8.04 4.66 -6.02
C ASP A 4 -8.17 5.22 -4.62
N ASP A 5 -9.36 5.25 -4.05
CA ASP A 5 -9.59 6.16 -2.94
C ASP A 5 -8.96 5.64 -1.64
N GLN A 6 -9.18 4.37 -1.31
CA GLN A 6 -8.55 3.79 -0.13
C GLN A 6 -7.03 3.86 -0.23
N VAL A 7 -6.47 3.50 -1.40
CA VAL A 7 -5.03 3.59 -1.54
C VAL A 7 -4.57 5.01 -1.32
N ALA A 8 -5.32 5.99 -1.85
CA ALA A 8 -4.90 7.38 -1.73
C ALA A 8 -4.98 7.85 -0.29
N PHE A 9 -6.03 7.49 0.42
CA PHE A 9 -6.20 7.91 1.80
C PHE A 9 -5.11 7.33 2.69
N SER A 10 -4.86 6.01 2.56
CA SER A 10 -3.75 5.41 3.31
C SER A 10 -2.46 6.10 2.97
N PHE A 11 -2.26 6.37 1.68
CA PHE A 11 -1.06 7.04 1.22
C PHE A 11 -0.91 8.40 1.88
N ILE A 12 -2.01 9.13 2.07
CA ILE A 12 -1.90 10.41 2.75
C ILE A 12 -1.58 10.22 4.22
N LEU A 13 -2.35 9.37 4.92
CA LEU A 13 -2.08 9.11 6.34
C LEU A 13 -0.61 8.76 6.57
N ASP A 14 -0.07 7.86 5.75
CA ASP A 14 1.29 7.41 5.99
C ASP A 14 2.28 8.55 5.82
N ASN A 15 1.96 9.50 4.93
CA ASN A 15 2.82 10.66 4.78
C ASN A 15 2.66 11.63 5.94
N ILE A 16 1.45 11.77 6.48
CA ILE A 16 1.28 12.61 7.65
C ILE A 16 2.12 12.09 8.79
N VAL A 17 2.15 10.75 8.92
CA VAL A 17 2.95 10.11 9.96
C VAL A 17 4.44 10.37 9.76
N THR A 18 4.97 10.03 8.58
CA THR A 18 6.43 10.08 8.39
C THR A 18 6.96 11.51 8.28
N GLN A 19 6.19 12.41 7.70
CA GLN A 19 6.69 13.74 7.37
C GLN A 19 6.31 14.79 8.41
N LYS A 20 5.24 14.57 9.16
CA LYS A 20 4.82 15.58 10.12
C LYS A 20 4.93 15.08 11.55
N MET A 21 4.35 13.92 11.86
CA MET A 21 4.35 13.39 13.22
C MET A 21 5.73 12.93 13.66
N MET A 22 6.35 12.03 12.89
CA MET A 22 7.71 11.58 13.22
C MET A 22 8.75 12.68 13.06
N ALA A 23 8.36 13.87 12.63
CA ALA A 23 9.29 14.98 12.49
C ALA A 23 9.29 15.91 13.70
N VAL A 24 8.42 15.63 14.67
CA VAL A 24 8.37 16.41 15.91
C VAL A 24 9.66 16.19 16.67
N PRO A 25 10.26 17.20 17.28
CA PRO A 25 11.55 17.01 17.97
C PRO A 25 11.42 16.02 19.11
N ASP A 26 12.42 15.13 19.21
CA ASP A 26 12.52 14.13 20.27
C ASP A 26 11.33 13.15 20.26
N SER A 27 10.69 12.97 19.13
CA SER A 27 9.59 12.02 19.05
C SER A 27 10.04 10.59 18.89
N TRP A 28 11.34 10.34 18.77
CA TRP A 28 11.82 8.98 18.53
C TRP A 28 11.30 7.91 19.51
N PRO A 29 11.10 8.17 20.82
CA PRO A 29 10.61 7.09 21.70
C PRO A 29 9.29 6.55 21.28
N PHE A 30 8.54 7.31 20.50
CA PHE A 30 7.22 6.90 20.06
C PHE A 30 7.22 6.33 18.66
N HIS A 31 8.39 6.23 18.02
CA HIS A 31 8.39 5.68 16.68
C HIS A 31 8.23 4.17 16.69
N HIS A 32 8.61 3.48 17.78
CA HIS A 32 8.64 2.02 17.77
C HIS A 32 8.03 1.51 19.06
N PRO A 33 7.56 0.26 19.07
CA PRO A 33 6.96 -0.27 20.29
C PRO A 33 8.00 -0.35 21.37
N VAL A 34 7.54 -0.23 22.62
CA VAL A 34 8.37 -0.59 23.74
C VAL A 34 8.75 -2.05 23.59
N ASN A 35 10.03 -2.35 23.73
CA ASN A 35 10.43 -3.75 23.63
C ASN A 35 9.98 -4.49 24.89
N LYS A 36 9.01 -5.39 24.74
CA LYS A 36 8.44 -6.10 25.88
C LYS A 36 9.44 -7.03 26.53
N LYS A 37 10.37 -7.58 25.75
CA LYS A 37 11.33 -8.49 26.35
C LYS A 37 12.19 -7.73 27.35
N PHE A 38 12.46 -6.45 27.10
CA PHE A 38 13.29 -5.65 27.99
C PHE A 38 12.49 -4.89 29.02
N VAL A 39 11.26 -4.47 28.71
CA VAL A 39 10.51 -3.61 29.61
C VAL A 39 9.17 -4.28 29.91
N PRO A 40 9.15 -5.33 30.75
CA PRO A 40 7.88 -6.03 31.00
C PRO A 40 6.90 -5.21 31.83
N ASP A 41 7.40 -4.31 32.67
CA ASP A 41 6.49 -3.54 33.50
C ASP A 41 5.65 -2.61 32.67
N TYR A 42 6.15 -2.23 31.48
CA TYR A 42 5.40 -1.35 30.61
C TYR A 42 4.12 -2.03 30.18
N TYR A 43 4.22 -3.31 29.81
CA TYR A 43 3.06 -4.04 29.33
C TYR A 43 2.18 -4.60 30.43
N LYS A 44 2.58 -4.51 31.70
CA LYS A 44 1.63 -4.80 32.79
C LYS A 44 0.83 -3.59 33.16
N VAL A 45 1.32 -2.41 32.79
CA VAL A 45 0.63 -1.14 33.03
C VAL A 45 -0.22 -0.73 31.83
N ILE A 46 0.31 -0.87 30.62
CA ILE A 46 -0.36 -0.40 29.41
C ILE A 46 -1.08 -1.58 28.77
N VAL A 47 -2.40 -1.56 28.77
CA VAL A 47 -3.14 -2.70 28.25
C VAL A 47 -3.18 -2.68 26.71
N ASN A 48 -3.22 -1.50 26.07
CA ASN A 48 -3.27 -1.38 24.62
C ASN A 48 -2.12 -0.51 24.15
N PRO A 49 -0.92 -1.05 24.12
CA PRO A 49 0.25 -0.27 23.71
C PRO A 49 0.15 0.08 22.24
N MET A 50 0.67 1.26 21.90
CA MET A 50 0.58 1.81 20.55
C MET A 50 1.78 2.70 20.25
N ASP A 51 2.18 2.73 18.99
CA ASP A 51 3.28 3.57 18.53
C ASP A 51 3.11 3.86 17.04
N LEU A 52 3.94 4.78 16.53
CA LEU A 52 3.80 5.19 15.15
C LEU A 52 4.14 4.04 14.19
N GLU A 53 5.10 3.18 14.51
CA GLU A 53 5.38 2.11 13.57
C GLU A 53 4.18 1.18 13.42
N THR A 54 3.53 0.85 14.54
CA THR A 54 2.34 0.00 14.48
C THR A 54 1.25 0.68 13.65
N ILE A 55 1.11 1.99 13.79
CA ILE A 55 0.15 2.70 12.98
C ILE A 55 0.51 2.63 11.51
N ARG A 56 1.79 2.76 11.17
CA ARG A 56 2.17 2.65 9.77
C ARG A 56 1.86 1.25 9.25
N LYS A 57 2.15 0.21 10.03
CA LYS A 57 1.77 -1.10 9.59
C LYS A 57 0.26 -1.19 9.32
N ASN A 58 -0.56 -0.58 10.19
CA ASN A 58 -2.00 -0.59 9.94
C ASN A 58 -2.35 0.10 8.62
N ILE A 59 -1.73 1.26 8.37
CA ILE A 59 -1.96 1.97 7.13
C ILE A 59 -1.63 1.10 5.94
N SER A 60 -0.51 0.41 6.00
CA SER A 60 -0.11 -0.39 4.87
C SER A 60 -1.07 -1.54 4.63
N LYS A 61 -1.75 -2.02 5.68
CA LYS A 61 -2.82 -3.00 5.53
C LYS A 61 -4.18 -2.37 5.21
N HIS A 62 -4.25 -1.05 5.08
CA HIS A 62 -5.51 -0.33 4.89
C HIS A 62 -6.51 -0.53 6.03
N LYS A 63 -6.02 -0.51 7.27
CA LYS A 63 -6.93 -0.69 8.40
C LYS A 63 -7.87 0.50 8.55
N TYR A 64 -7.39 1.70 8.28
CA TYR A 64 -8.19 2.91 8.51
C TYR A 64 -8.99 3.31 7.26
N GLN A 65 -10.30 3.35 7.38
CA GLN A 65 -11.16 3.80 6.31
C GLN A 65 -11.69 5.19 6.56
N SER A 66 -11.32 5.81 7.67
CA SER A 66 -11.65 7.20 7.98
C SER A 66 -10.76 7.71 9.09
N ARG A 67 -10.80 9.02 9.30
CA ARG A 67 -10.00 9.66 10.33
C ARG A 67 -10.23 9.05 11.71
N GLU A 68 -11.46 8.64 12.00
CA GLU A 68 -11.84 8.42 13.38
C GLU A 68 -11.07 7.27 14.00
N SER A 69 -11.02 6.11 13.34
CA SER A 69 -10.27 5.02 13.94
C SER A 69 -8.76 5.27 13.90
N PHE A 70 -8.30 6.05 12.93
CA PHE A 70 -6.90 6.48 12.92
C PHE A 70 -6.60 7.36 14.12
N LEU A 71 -7.51 8.28 14.46
CA LEU A 71 -7.27 9.14 15.60
C LEU A 71 -7.36 8.37 16.90
N ASP A 72 -8.18 7.33 16.95
CA ASP A 72 -8.24 6.49 18.13
C ASP A 72 -6.86 5.98 18.48
N ASP A 73 -6.17 5.41 17.49
CA ASP A 73 -4.85 4.89 17.79
C ASP A 73 -3.86 6.01 18.04
N VAL A 74 -4.02 7.15 17.40
CA VAL A 74 -3.10 8.24 17.66
C VAL A 74 -3.31 8.75 19.07
N ASN A 75 -4.56 8.95 19.49
CA ASN A 75 -4.81 9.44 20.84
C ASN A 75 -4.34 8.44 21.88
N LEU A 76 -4.32 7.16 21.52
CA LEU A 76 -3.87 6.13 22.45
C LEU A 76 -2.39 6.30 22.81
N ILE A 77 -1.59 6.78 21.86
CA ILE A 77 -0.18 7.02 22.13
C ILE A 77 -0.02 8.07 23.22
N LEU A 78 -0.90 9.07 23.21
CA LEU A 78 -0.87 10.07 24.27
C LEU A 78 -1.43 9.51 25.57
N ALA A 79 -2.57 8.83 25.49
CA ALA A 79 -3.22 8.35 26.72
C ALA A 79 -2.31 7.39 27.46
N ASN A 80 -1.60 6.54 26.72
CA ASN A 80 -0.65 5.64 27.33
C ASN A 80 0.51 6.41 27.96
N SER A 81 0.97 7.47 27.30
CA SER A 81 2.08 8.20 27.88
C SER A 81 1.66 8.84 29.18
N VAL A 82 0.43 9.35 29.23
CA VAL A 82 -0.07 9.96 30.45
C VAL A 82 -0.02 8.97 31.60
N LYS A 83 -0.48 7.75 31.34
CA LYS A 83 -0.60 6.76 32.40
C LYS A 83 0.78 6.29 32.87
N TYR A 84 1.71 6.08 31.95
CA TYR A 84 2.99 5.48 32.33
C TYR A 84 4.05 6.52 32.71
N ASN A 85 4.11 7.65 32.02
CA ASN A 85 5.17 8.61 32.28
C ASN A 85 4.70 9.74 33.18
N GLY A 86 3.39 9.92 33.34
CA GLY A 86 2.87 11.00 34.13
C GLY A 86 2.37 12.14 33.27
N PRO A 87 1.39 12.89 33.76
CA PRO A 87 0.83 13.97 32.94
C PRO A 87 1.81 15.10 32.71
N GLU A 88 2.81 15.29 33.56
CA GLU A 88 3.69 16.43 33.39
C GLU A 88 5.03 16.05 32.79
N SER A 89 5.17 14.82 32.29
CA SER A 89 6.44 14.34 31.78
C SER A 89 6.83 15.01 30.47
N GLN A 90 8.15 15.15 30.28
CA GLN A 90 8.65 15.65 29.00
C GLN A 90 8.22 14.73 27.87
N TYR A 91 8.23 13.43 28.12
CA TYR A 91 7.78 12.46 27.12
C TYR A 91 6.31 12.69 26.78
N THR A 92 5.48 12.97 27.79
CA THR A 92 4.08 13.26 27.53
C THR A 92 3.90 14.54 26.74
N LYS A 93 4.67 15.58 27.08
CA LYS A 93 4.60 16.82 26.31
C LYS A 93 4.95 16.55 24.85
N THR A 94 5.94 15.71 24.60
CA THR A 94 6.27 15.32 23.25
C THR A 94 5.10 14.58 22.59
N ALA A 95 4.47 13.64 23.29
CA ALA A 95 3.31 12.97 22.70
C ALA A 95 2.19 13.95 22.43
N GLN A 96 2.01 14.93 23.32
CA GLN A 96 0.98 15.93 23.09
C GLN A 96 1.23 16.66 21.77
N GLU A 97 2.49 16.97 21.48
CA GLU A 97 2.80 17.67 20.25
C GLU A 97 2.56 16.78 19.03
N ILE A 98 2.82 15.49 19.16
CA ILE A 98 2.53 14.57 18.06
C ILE A 98 1.05 14.57 17.76
N VAL A 99 0.21 14.55 18.78
CA VAL A 99 -1.21 14.62 18.54
C VAL A 99 -1.59 15.94 17.89
N ASN A 100 -1.03 17.05 18.38
CA ASN A 100 -1.47 18.32 17.84
C ASN A 100 -1.15 18.42 16.37
N VAL A 101 0.09 18.06 15.98
CA VAL A 101 0.47 18.18 14.58
C VAL A 101 -0.39 17.26 13.73
N CYS A 102 -0.82 16.15 14.29
CA CYS A 102 -1.77 15.29 13.59
C CYS A 102 -3.06 16.03 13.31
N TYR A 103 -3.72 16.56 14.36
CA TYR A 103 -4.97 17.27 14.07
C TYR A 103 -4.74 18.49 13.18
N GLN A 104 -3.61 19.17 13.32
CA GLN A 104 -3.36 20.34 12.51
C GLN A 104 -3.31 19.95 11.05
N THR A 105 -2.70 18.81 10.77
CA THR A 105 -2.54 18.40 9.40
C THR A 105 -3.86 17.89 8.83
N LEU A 106 -4.62 17.13 9.62
CA LEU A 106 -5.90 16.67 9.13
C LEU A 106 -6.83 17.82 8.85
N THR A 107 -6.80 18.82 9.73
CA THR A 107 -7.64 19.98 9.52
C THR A 107 -7.23 20.73 8.26
N GLU A 108 -5.94 20.86 8.01
CA GLU A 108 -5.48 21.53 6.80
C GLU A 108 -6.01 20.84 5.53
N TYR A 109 -6.18 19.52 5.58
CA TYR A 109 -6.69 18.75 4.45
C TYR A 109 -8.10 18.23 4.69
N ASP A 110 -8.90 18.91 5.52
CA ASP A 110 -10.20 18.36 5.89
C ASP A 110 -11.06 18.05 4.68
N GLU A 111 -11.18 19.01 3.76
CA GLU A 111 -12.18 18.85 2.73
C GLU A 111 -11.77 17.78 1.74
N HIS A 112 -10.46 17.60 1.58
CA HIS A 112 -9.97 16.55 0.70
C HIS A 112 -10.13 15.20 1.36
N LEU A 113 -9.91 15.12 2.67
CA LEU A 113 -10.06 13.83 3.31
C LEU A 113 -11.53 13.44 3.43
N THR A 114 -12.40 14.42 3.62
CA THR A 114 -13.82 14.10 3.68
C THR A 114 -14.28 13.51 2.35
N GLN A 115 -13.76 14.04 1.24
CA GLN A 115 -14.11 13.50 -0.08
C GLN A 115 -13.64 12.07 -0.23
N LEU A 116 -12.41 11.79 0.20
CA LEU A 116 -11.92 10.41 0.15
C LEU A 116 -12.77 9.50 1.01
N GLU A 117 -13.14 9.97 2.20
CA GLU A 117 -13.90 9.14 3.12
C GLU A 117 -15.27 8.84 2.56
N LYS A 118 -15.92 9.84 1.96
CA LYS A 118 -17.22 9.59 1.34
C LYS A 118 -17.08 8.56 0.24
N ASP A 119 -16.06 8.70 -0.60
CA ASP A 119 -15.94 7.78 -1.72
C ASP A 119 -15.57 6.39 -1.26
N ILE A 120 -14.74 6.26 -0.22
CA ILE A 120 -14.42 4.95 0.30
C ILE A 120 -15.65 4.28 0.85
N CYS A 121 -16.48 5.06 1.54
CA CYS A 121 -17.64 4.49 2.18
C CYS A 121 -18.73 4.14 1.17
N THR A 122 -18.96 4.99 0.16
CA THR A 122 -19.97 4.59 -0.83
C THR A 122 -19.50 3.39 -1.64
N ALA A 123 -18.21 3.27 -1.90
CA ALA A 123 -17.73 2.14 -2.70
C ALA A 123 -17.93 0.82 -1.97
N LYS A 124 -17.64 0.80 -0.65
CA LYS A 124 -17.87 -0.42 0.12
C LYS A 124 -19.34 -0.80 0.11
N GLU A 125 -20.23 0.19 0.06
CA GLU A 125 -21.65 -0.09 0.00
C GLU A 125 -22.00 -0.79 -1.31
N ALA A 126 -21.64 -0.17 -2.43
CA ALA A 126 -21.93 -0.77 -3.74
C ALA A 126 -21.27 -2.13 -3.89
N ALA A 127 -20.03 -2.26 -3.43
CA ALA A 127 -19.30 -3.52 -3.61
C ALA A 127 -20.01 -4.67 -2.90
N LEU A 128 -20.30 -4.50 -1.60
CA LEU A 128 -20.93 -5.58 -0.85
C LEU A 128 -22.31 -5.91 -1.40
N GLU A 129 -23.11 -4.89 -1.70
CA GLU A 129 -24.37 -5.08 -2.39
C GLU A 129 -24.22 -6.08 -3.54
N GLU A 130 -23.26 -5.82 -4.42
CA GLU A 130 -22.90 -6.74 -5.50
C GLU A 130 -22.29 -8.04 -4.94
N ASP B 3 1.88 -10.02 11.56
CA ASP B 3 1.22 -10.38 10.30
C ASP B 3 1.60 -9.44 9.16
N ASP B 4 2.89 -9.48 8.80
CA ASP B 4 3.52 -8.62 7.80
C ASP B 4 3.42 -9.14 6.35
N ASP B 5 2.91 -10.35 6.14
CA ASP B 5 3.26 -11.13 4.96
C ASP B 5 2.63 -10.62 3.66
N GLN B 6 1.34 -10.28 3.66
CA GLN B 6 0.75 -9.75 2.43
C GLN B 6 1.41 -8.44 2.01
N VAL B 7 1.64 -7.52 2.97
CA VAL B 7 2.32 -6.27 2.64
C VAL B 7 3.71 -6.57 2.06
N ALA B 8 4.41 -7.56 2.62
CA ALA B 8 5.75 -7.90 2.13
C ALA B 8 5.70 -8.42 0.69
N PHE B 9 4.74 -9.31 0.39
CA PHE B 9 4.60 -9.88 -0.95
C PHE B 9 4.19 -8.82 -1.98
N SER B 10 3.22 -7.96 -1.61
CA SER B 10 2.83 -6.86 -2.48
C SER B 10 4.01 -5.94 -2.78
N PHE B 11 4.80 -5.62 -1.74
CA PHE B 11 5.94 -4.72 -1.92
C PHE B 11 6.96 -5.27 -2.91
N ILE B 12 7.20 -6.58 -2.86
CA ILE B 12 8.16 -7.21 -3.76
C ILE B 12 7.66 -7.18 -5.20
N LEU B 13 6.41 -7.61 -5.43
CA LEU B 13 5.81 -7.53 -6.76
C LEU B 13 5.92 -6.12 -7.36
N ASP B 14 5.66 -5.08 -6.55
CA ASP B 14 5.68 -3.72 -7.06
C ASP B 14 7.09 -3.28 -7.48
N ASN B 15 8.14 -3.75 -6.79
CA ASN B 15 9.50 -3.44 -7.23
C ASN B 15 9.89 -4.21 -8.49
N ILE B 16 9.44 -5.46 -8.63
CA ILE B 16 9.70 -6.19 -9.86
C ILE B 16 9.11 -5.44 -11.05
N VAL B 17 7.93 -4.85 -10.86
CA VAL B 17 7.28 -4.11 -11.95
C VAL B 17 8.06 -2.84 -12.28
N THR B 18 8.31 -1.99 -11.29
CA THR B 18 8.92 -0.69 -11.57
C THR B 18 10.40 -0.80 -11.91
N GLN B 19 11.10 -1.76 -11.32
CA GLN B 19 12.55 -1.81 -11.43
C GLN B 19 13.04 -2.76 -12.52
N LYS B 20 12.23 -3.73 -12.92
CA LYS B 20 12.62 -4.72 -13.92
C LYS B 20 11.73 -4.70 -15.15
N MET B 21 10.40 -4.79 -14.98
CA MET B 21 9.49 -4.87 -16.12
C MET B 21 9.40 -3.52 -16.84
N MET B 22 9.08 -2.44 -16.11
CA MET B 22 9.07 -1.11 -16.72
C MET B 22 10.46 -0.67 -17.16
N ALA B 23 11.50 -1.46 -16.90
CA ALA B 23 12.85 -1.07 -17.29
C ALA B 23 13.30 -1.66 -18.60
N VAL B 24 12.58 -2.63 -19.17
CA VAL B 24 13.02 -3.12 -20.48
C VAL B 24 12.88 -1.99 -21.50
N PRO B 25 13.80 -1.91 -22.46
CA PRO B 25 13.79 -0.77 -23.39
C PRO B 25 12.50 -0.69 -24.18
N ASP B 26 12.03 0.54 -24.38
CA ASP B 26 10.84 0.82 -25.17
C ASP B 26 9.60 0.12 -24.61
N SER B 27 9.58 -0.09 -23.30
CA SER B 27 8.43 -0.69 -22.67
C SER B 27 7.31 0.29 -22.40
N TRP B 28 7.52 1.59 -22.64
CA TRP B 28 6.53 2.60 -22.28
C TRP B 28 5.11 2.34 -22.80
N PRO B 29 4.88 1.78 -24.01
CA PRO B 29 3.49 1.58 -24.45
C PRO B 29 2.71 0.66 -23.53
N PHE B 30 3.38 -0.17 -22.75
CA PHE B 30 2.68 -1.10 -21.89
C PHE B 30 2.56 -0.60 -20.46
N HIS B 31 3.06 0.62 -20.17
CA HIS B 31 3.04 1.17 -18.82
C HIS B 31 1.67 1.73 -18.41
N HIS B 32 0.81 2.12 -19.36
CA HIS B 32 -0.45 2.77 -19.07
C HIS B 32 -1.51 2.21 -20.01
N PRO B 33 -2.80 2.35 -19.69
CA PRO B 33 -3.83 1.80 -20.56
C PRO B 33 -3.91 2.51 -21.91
N VAL B 34 -4.40 1.76 -22.91
CA VAL B 34 -4.88 2.42 -24.12
C VAL B 34 -6.03 3.34 -23.72
N ASN B 35 -5.96 4.58 -24.15
CA ASN B 35 -7.04 5.52 -23.89
C ASN B 35 -8.25 5.14 -24.76
N LYS B 36 -9.34 4.72 -24.10
CA LYS B 36 -10.52 4.27 -24.84
C LYS B 36 -11.18 5.40 -25.60
N LYS B 37 -11.04 6.65 -25.12
CA LYS B 37 -11.65 7.74 -25.87
C LYS B 37 -10.97 7.93 -27.23
N PHE B 38 -9.65 7.70 -27.32
CA PHE B 38 -8.94 7.92 -28.57
C PHE B 38 -8.82 6.69 -29.44
N VAL B 39 -8.71 5.50 -28.85
CA VAL B 39 -8.50 4.28 -29.61
C VAL B 39 -9.65 3.32 -29.30
N PRO B 40 -10.86 3.58 -29.83
CA PRO B 40 -11.99 2.70 -29.49
C PRO B 40 -11.86 1.31 -30.08
N ASP B 41 -11.14 1.16 -31.18
CA ASP B 41 -11.00 -0.13 -31.85
C ASP B 41 -10.21 -1.11 -31.01
N TYR B 42 -9.39 -0.61 -30.07
CA TYR B 42 -8.64 -1.51 -29.19
C TYR B 42 -9.60 -2.31 -28.30
N TYR B 43 -10.59 -1.64 -27.70
CA TYR B 43 -11.53 -2.28 -26.77
C TYR B 43 -12.67 -3.00 -27.47
N LYS B 44 -12.77 -2.89 -28.79
CA LYS B 44 -13.66 -3.74 -29.55
C LYS B 44 -12.98 -5.05 -29.94
N VAL B 45 -11.65 -5.04 -29.98
CA VAL B 45 -10.83 -6.21 -30.33
C VAL B 45 -10.35 -6.95 -29.09
N ILE B 46 -9.89 -6.21 -28.08
CA ILE B 46 -9.30 -6.76 -26.85
C ILE B 46 -10.36 -6.75 -25.75
N VAL B 47 -10.80 -7.92 -25.32
CA VAL B 47 -11.91 -7.99 -24.38
C VAL B 47 -11.43 -7.77 -22.94
N ASN B 48 -10.20 -8.17 -22.61
CA ASN B 48 -9.63 -8.01 -21.28
C ASN B 48 -8.31 -7.25 -21.35
N PRO B 49 -8.36 -5.95 -21.62
CA PRO B 49 -7.13 -5.16 -21.71
C PRO B 49 -6.41 -5.09 -20.37
N MET B 50 -5.08 -5.07 -20.43
CA MET B 50 -4.22 -5.10 -19.25
C MET B 50 -2.90 -4.35 -19.51
N ASP B 51 -2.34 -3.78 -18.46
CA ASP B 51 -1.12 -2.97 -18.56
C ASP B 51 -0.42 -2.98 -17.21
N LEU B 52 0.77 -2.39 -17.16
CA LEU B 52 1.55 -2.42 -15.93
C LEU B 52 0.94 -1.54 -14.83
N GLU B 53 0.39 -0.37 -15.17
CA GLU B 53 -0.18 0.50 -14.14
C GLU B 53 -1.40 -0.13 -13.47
N THR B 54 -2.24 -0.84 -14.24
CA THR B 54 -3.36 -1.56 -13.64
C THR B 54 -2.85 -2.65 -12.71
N ILE B 55 -1.75 -3.32 -13.13
CA ILE B 55 -1.17 -4.33 -12.26
C ILE B 55 -0.67 -3.69 -10.95
N ARG B 56 -0.04 -2.51 -11.04
CA ARG B 56 0.43 -1.82 -9.85
C ARG B 56 -0.72 -1.43 -8.92
N LYS B 57 -1.82 -0.91 -9.47
CA LYS B 57 -2.97 -0.59 -8.63
C LYS B 57 -3.50 -1.83 -7.92
N ASN B 58 -3.61 -2.95 -8.63
CA ASN B 58 -4.05 -4.20 -7.99
C ASN B 58 -3.13 -4.57 -6.84
N ILE B 59 -1.82 -4.44 -7.05
CA ILE B 59 -0.83 -4.68 -6.00
C ILE B 59 -1.07 -3.78 -4.80
N SER B 60 -1.33 -2.50 -5.04
CA SER B 60 -1.54 -1.60 -3.92
C SER B 60 -2.82 -1.93 -3.18
N LYS B 61 -3.82 -2.51 -3.87
CA LYS B 61 -5.01 -3.07 -3.25
C LYS B 61 -4.79 -4.46 -2.66
N HIS B 62 -3.55 -4.99 -2.74
CA HIS B 62 -3.22 -6.35 -2.32
C HIS B 62 -4.10 -7.39 -3.02
N LYS B 63 -4.38 -7.18 -4.31
CA LYS B 63 -5.23 -8.14 -5.03
C LYS B 63 -4.54 -9.48 -5.20
N TYR B 64 -3.22 -9.47 -5.42
CA TYR B 64 -2.48 -10.69 -5.71
C TYR B 64 -1.98 -11.30 -4.40
N GLN B 65 -2.41 -12.51 -4.11
CA GLN B 65 -1.97 -13.21 -2.91
C GLN B 65 -1.02 -14.35 -3.25
N SER B 66 -0.74 -14.56 -4.53
CA SER B 66 0.27 -15.52 -4.95
C SER B 66 0.66 -15.18 -6.37
N ARG B 67 1.76 -15.81 -6.81
CA ARG B 67 2.28 -15.58 -8.16
C ARG B 67 1.28 -15.99 -9.24
N GLU B 68 0.39 -16.96 -8.99
CA GLU B 68 -0.40 -17.52 -10.08
C GLU B 68 -1.34 -16.48 -10.68
N SER B 69 -2.11 -15.78 -9.82
CA SER B 69 -3.00 -14.72 -10.31
C SER B 69 -2.25 -13.46 -10.76
N PHE B 70 -1.04 -13.22 -10.22
CA PHE B 70 -0.19 -12.14 -10.72
C PHE B 70 0.29 -12.42 -12.14
N LEU B 71 0.69 -13.65 -12.43
CA LEU B 71 1.20 -13.98 -13.76
C LEU B 71 0.09 -14.00 -14.80
N ASP B 72 -1.15 -14.31 -14.39
CA ASP B 72 -2.28 -14.26 -15.30
C ASP B 72 -2.42 -12.87 -15.91
N ASP B 73 -2.32 -11.83 -15.08
CA ASP B 73 -2.43 -10.47 -15.61
C ASP B 73 -1.18 -10.06 -16.39
N VAL B 74 0.00 -10.57 -16.02
CA VAL B 74 1.22 -10.24 -16.78
C VAL B 74 1.19 -10.91 -18.16
N ASN B 75 0.83 -12.20 -18.21
CA ASN B 75 0.71 -12.90 -19.50
C ASN B 75 -0.41 -12.33 -20.36
N LEU B 76 -1.40 -11.69 -19.73
CA LEU B 76 -2.48 -11.06 -20.49
C LEU B 76 -1.96 -9.91 -21.34
N ILE B 77 -0.92 -9.20 -20.85
CA ILE B 77 -0.36 -8.08 -21.60
C ILE B 77 0.31 -8.55 -22.91
N LEU B 78 0.85 -9.76 -22.90
CA LEU B 78 1.47 -10.30 -24.13
C LEU B 78 0.36 -10.82 -25.00
N ALA B 79 -0.52 -11.58 -24.40
CA ALA B 79 -1.57 -12.21 -25.20
C ALA B 79 -2.40 -11.16 -25.92
N ASN B 80 -2.65 -10.02 -25.25
CA ASN B 80 -3.35 -8.92 -25.91
C ASN B 80 -2.50 -8.34 -27.02
N SER B 81 -1.18 -8.23 -26.81
CA SER B 81 -0.34 -7.67 -27.86
C SER B 81 -0.27 -8.60 -29.08
N VAL B 82 -0.23 -9.92 -28.87
CA VAL B 82 -0.22 -10.83 -30.00
C VAL B 82 -1.47 -10.65 -30.85
N LYS B 83 -2.63 -10.50 -30.20
CA LYS B 83 -3.91 -10.43 -30.92
C LYS B 83 -4.04 -9.14 -31.73
N TYR B 84 -3.62 -8.01 -31.17
CA TYR B 84 -3.86 -6.72 -31.79
C TYR B 84 -2.73 -6.26 -32.71
N ASN B 85 -1.48 -6.53 -32.34
CA ASN B 85 -0.33 -6.04 -33.07
C ASN B 85 0.24 -7.07 -34.03
N GLY B 86 -0.13 -8.34 -33.88
CA GLY B 86 0.46 -9.38 -34.69
C GLY B 86 1.52 -10.15 -33.93
N PRO B 87 1.73 -11.41 -34.33
CA PRO B 87 2.72 -12.24 -33.64
C PRO B 87 4.15 -11.76 -33.81
N GLU B 88 4.45 -11.05 -34.89
CA GLU B 88 5.81 -10.68 -35.28
C GLU B 88 6.12 -9.21 -35.07
N SER B 89 5.26 -8.46 -34.38
CA SER B 89 5.43 -7.03 -34.24
C SER B 89 6.58 -6.70 -33.30
N GLN B 90 7.19 -5.52 -33.50
CA GLN B 90 8.19 -5.01 -32.56
C GLN B 90 7.59 -4.83 -31.17
N TYR B 91 6.35 -4.37 -31.11
CA TYR B 91 5.64 -4.20 -29.85
C TYR B 91 5.46 -5.53 -29.12
N THR B 92 5.13 -6.59 -29.87
CA THR B 92 5.00 -7.92 -29.28
C THR B 92 6.35 -8.44 -28.78
N LYS B 93 7.44 -8.16 -29.52
CA LYS B 93 8.76 -8.59 -29.09
C LYS B 93 9.15 -7.99 -27.73
N THR B 94 8.91 -6.68 -27.54
CA THR B 94 9.19 -6.07 -26.25
C THR B 94 8.27 -6.61 -25.15
N ALA B 95 6.98 -6.81 -25.46
CA ALA B 95 6.06 -7.41 -24.49
C ALA B 95 6.54 -8.79 -24.04
N GLN B 96 7.16 -9.55 -24.94
CA GLN B 96 7.75 -10.84 -24.58
C GLN B 96 8.86 -10.66 -23.56
N GLU B 97 9.69 -9.62 -23.74
CA GLU B 97 10.78 -9.36 -22.81
C GLU B 97 10.27 -8.94 -21.44
N ILE B 98 9.13 -8.25 -21.37
CA ILE B 98 8.56 -7.91 -20.06
C ILE B 98 8.16 -9.17 -19.32
N VAL B 99 7.56 -10.13 -20.01
CA VAL B 99 7.23 -11.40 -19.37
C VAL B 99 8.50 -12.14 -18.97
N ASN B 100 9.53 -12.11 -19.83
CA ASN B 100 10.76 -12.86 -19.58
C ASN B 100 11.49 -12.34 -18.34
N VAL B 101 11.66 -11.02 -18.23
CA VAL B 101 12.32 -10.47 -17.05
C VAL B 101 11.47 -10.71 -15.80
N CYS B 102 10.18 -10.89 -15.98
CA CYS B 102 9.28 -11.09 -14.83
C CYS B 102 9.55 -12.48 -14.27
N TYR B 103 9.46 -13.51 -15.10
CA TYR B 103 9.76 -14.86 -14.60
C TYR B 103 11.21 -14.98 -14.14
N GLN B 104 12.12 -14.26 -14.78
CA GLN B 104 13.52 -14.31 -14.38
C GLN B 104 13.72 -13.76 -12.98
N THR B 105 13.03 -12.67 -12.65
CA THR B 105 13.14 -12.05 -11.34
C THR B 105 12.39 -12.84 -10.29
N LEU B 106 11.22 -13.38 -10.63
CA LEU B 106 10.47 -14.19 -9.68
C LEU B 106 11.23 -15.46 -9.31
N THR B 107 11.89 -16.10 -10.29
CA THR B 107 12.65 -17.32 -10.01
C THR B 107 13.88 -17.03 -9.14
N GLU B 108 14.58 -15.93 -9.39
CA GLU B 108 15.73 -15.60 -8.56
C GLU B 108 15.34 -15.47 -7.09
N TYR B 109 14.13 -14.98 -6.81
CA TYR B 109 13.62 -14.87 -5.45
C TYR B 109 12.48 -15.88 -5.20
N ASP B 110 12.44 -16.98 -5.97
CA ASP B 110 11.41 -17.99 -5.82
C ASP B 110 11.37 -18.52 -4.40
N GLU B 111 12.55 -18.74 -3.82
CA GLU B 111 12.64 -19.43 -2.55
C GLU B 111 12.13 -18.55 -1.42
N HIS B 112 12.24 -17.24 -1.57
CA HIS B 112 11.69 -16.29 -0.61
C HIS B 112 10.19 -16.08 -0.81
N LEU B 113 9.72 -16.09 -2.06
CA LEU B 113 8.30 -15.84 -2.32
C LEU B 113 7.42 -17.03 -1.94
N THR B 114 7.92 -18.27 -2.06
CA THR B 114 7.11 -19.43 -1.66
C THR B 114 6.79 -19.37 -0.17
N GLN B 115 7.75 -18.92 0.64
CA GLN B 115 7.48 -18.78 2.07
C GLN B 115 6.43 -17.71 2.33
N LEU B 116 6.52 -16.56 1.64
CA LEU B 116 5.52 -15.52 1.80
C LEU B 116 4.14 -16.01 1.41
N GLU B 117 4.04 -16.80 0.33
CA GLU B 117 2.75 -17.32 -0.11
C GLU B 117 2.14 -18.26 0.93
N LYS B 118 2.95 -19.14 1.51
CA LYS B 118 2.44 -20.05 2.53
C LYS B 118 1.88 -19.28 3.73
N ASP B 119 2.63 -18.30 4.22
CA ASP B 119 2.25 -17.56 5.41
C ASP B 119 1.05 -16.64 5.16
N ILE B 120 0.79 -16.31 3.90
CA ILE B 120 -0.42 -15.49 3.57
C ILE B 120 -1.64 -16.37 3.72
N CYS B 121 -1.55 -17.63 3.27
CA CYS B 121 -2.70 -18.57 3.32
C CYS B 121 -2.99 -18.94 4.77
N THR B 122 -1.95 -19.28 5.52
CA THR B 122 -2.12 -19.58 6.96
C THR B 122 -2.84 -18.40 7.63
#